data_9HLQ
#
_entry.id   9HLQ
#
_cell.length_a   52.291
_cell.length_b   52.291
_cell.length_c   146.686
_cell.angle_alpha   90.00
_cell.angle_beta   90.00
_cell.angle_gamma   90.00
#
_symmetry.space_group_name_H-M   'P 41 21 2'
#
loop_
_entity.id
_entity.type
_entity.pdbx_description
1 polymer 'Telomeric repeat-binding factor 1'
2 non-polymer 4-iodanyl-3~{H}-pyridin-2-one
3 non-polymer 1,2-ETHANEDIOL
4 water water
#
_entity_poly.entity_id   1
_entity_poly.type   'polypeptide(L)'
_entity_poly.pdbx_seq_one_letter_code
;SNAQVQVGAPEEEEEEEEDAGLVAEAEAVAAGWMLDFLCLSLCRAFRDGRSEDFRRTRNSAEAIIHGLSSLTACQLRTIY
ICQFLTRIAAGKTLDAQFENDERITPLESALMIWGSIEKEHDKLHEEIQNLIKIQAIAVCMENGNFKEAEEVFERIFGDP
NSHMPFKSKLLMIISQKDTFHSFFQHFSYNHMMEKIKSYVNYVLSEKSSTFLMKAAAKVVESKR
;
_entity_poly.pdbx_strand_id   A
#
loop_
_chem_comp.id
_chem_comp.type
_chem_comp.name
_chem_comp.formula
EDO non-polymer 1,2-ETHANEDIOL 'C2 H6 O2'
HHQ non-polymer 4-iodanyl-3~{H}-pyridin-2-one 'C5 H4 I N O'
#
# COMPACT_ATOMS: atom_id res chain seq x y z
N GLU A 16 -1.18 -8.97 -44.08
CA GLU A 16 0.25 -8.75 -43.90
C GLU A 16 0.55 -7.85 -42.69
N GLU A 17 -0.03 -6.61 -42.66
CA GLU A 17 0.16 -5.62 -41.59
C GLU A 17 -0.60 -5.97 -40.30
N GLU A 18 -1.70 -6.74 -40.43
CA GLU A 18 -2.51 -7.20 -39.31
C GLU A 18 -1.79 -8.27 -38.46
N ASP A 19 -0.71 -8.88 -38.99
CA ASP A 19 0.08 -9.87 -38.28
C ASP A 19 0.82 -9.22 -37.10
N ALA A 20 1.28 -7.97 -37.28
CA ALA A 20 1.95 -7.24 -36.21
C ALA A 20 0.92 -6.81 -35.14
N GLY A 21 -0.26 -6.41 -35.58
CA GLY A 21 -1.36 -6.04 -34.70
C GLY A 21 -1.79 -7.20 -33.83
N LEU A 22 -1.80 -8.41 -34.43
CA LEU A 22 -2.12 -9.65 -33.74
C LEU A 22 -1.13 -9.87 -32.58
N VAL A 23 0.19 -9.78 -32.88
CA VAL A 23 1.28 -9.95 -31.91
C VAL A 23 1.20 -8.93 -30.79
N ALA A 24 0.99 -7.65 -31.13
CA ALA A 24 0.89 -6.57 -30.14
C ALA A 24 -0.29 -6.79 -29.21
N GLU A 25 -1.40 -7.31 -29.74
CA GLU A 25 -2.60 -7.60 -28.96
C GLU A 25 -2.40 -8.74 -27.98
N ALA A 26 -1.67 -9.78 -28.40
CA ALA A 26 -1.36 -10.94 -27.55
C ALA A 26 -0.38 -10.53 -26.46
N GLU A 27 0.63 -9.69 -26.81
CA GLU A 27 1.58 -9.16 -25.84
C GLU A 27 0.84 -8.34 -24.76
N ALA A 28 -0.21 -7.59 -25.15
CA ALA A 28 -1.02 -6.81 -24.21
C ALA A 28 -1.84 -7.73 -23.28
N VAL A 29 -2.52 -8.77 -23.83
CA VAL A 29 -3.24 -9.76 -22.98
C VAL A 29 -2.24 -10.43 -21.97
N ALA A 30 -1.09 -10.91 -22.49
CA ALA A 30 -0.06 -11.54 -21.65
C ALA A 30 0.52 -10.62 -20.58
N ALA A 31 0.63 -9.31 -20.87
CA ALA A 31 1.14 -8.35 -19.91
C ALA A 31 0.12 -8.02 -18.82
N GLY A 32 -1.17 -8.07 -19.17
CA GLY A 32 -2.24 -7.88 -18.20
C GLY A 32 -2.25 -9.02 -17.21
N TRP A 33 -2.00 -10.25 -17.68
CA TRP A 33 -1.88 -11.47 -16.86
C TRP A 33 -0.66 -11.44 -15.94
N MET A 34 0.46 -10.90 -16.45
CA MET A 34 1.68 -10.76 -15.64
C MET A 34 1.44 -9.74 -14.56
N LEU A 35 0.75 -8.62 -14.89
CA LEU A 35 0.40 -7.60 -13.90
C LEU A 35 -0.45 -8.19 -12.79
N ASP A 36 -1.51 -8.91 -13.13
CA ASP A 36 -2.38 -9.50 -12.14
C ASP A 36 -1.61 -10.51 -11.25
N PHE A 37 -0.71 -11.31 -11.85
CA PHE A 37 0.09 -12.25 -11.08
C PHE A 37 1.02 -11.54 -10.11
N LEU A 38 1.72 -10.50 -10.57
CA LEU A 38 2.64 -9.75 -9.75
C LEU A 38 1.95 -8.96 -8.63
N CYS A 39 0.76 -8.40 -8.90
CA CYS A 39 0.00 -7.66 -7.90
C CYS A 39 -0.38 -8.59 -6.76
N LEU A 40 -0.87 -9.79 -7.09
CA LEU A 40 -1.24 -10.82 -6.13
C LEU A 40 -0.06 -11.30 -5.28
N SER A 41 1.06 -11.58 -5.94
CA SER A 41 2.29 -12.03 -5.30
C SER A 41 2.86 -10.90 -4.37
N LEU A 42 2.65 -9.63 -4.73
CA LEU A 42 3.09 -8.51 -3.88
C LEU A 42 2.25 -8.53 -2.57
N CYS A 43 0.91 -8.78 -2.71
CA CYS A 43 -0.02 -8.85 -1.59
C CYS A 43 0.37 -9.97 -0.60
N ARG A 44 0.68 -11.19 -1.09
CA ARG A 44 1.11 -12.31 -0.26
C ARG A 44 2.44 -12.06 0.44
N ALA A 45 3.38 -11.37 -0.24
CA ALA A 45 4.68 -11.08 0.35
C ALA A 45 4.51 -10.13 1.54
N PHE A 46 3.66 -9.08 1.38
CA PHE A 46 3.36 -8.09 2.41
C PHE A 46 2.73 -8.80 3.60
N ARG A 47 1.70 -9.62 3.33
CA ARG A 47 0.95 -10.37 4.32
C ARG A 47 1.86 -11.30 5.12
N ASP A 48 2.79 -12.00 4.44
CA ASP A 48 3.71 -12.91 5.15
C ASP A 48 4.95 -12.24 5.73
N GLY A 49 5.16 -10.96 5.46
CA GLY A 49 6.32 -10.24 5.98
C GLY A 49 7.64 -10.58 5.30
N ARG A 50 7.57 -11.10 4.06
CA ARG A 50 8.77 -11.41 3.26
C ARG A 50 9.16 -10.08 2.60
N SER A 51 9.97 -9.28 3.32
CA SER A 51 10.35 -7.92 2.89
C SER A 51 11.17 -7.84 1.59
N GLU A 52 12.20 -8.69 1.44
CA GLU A 52 13.01 -8.66 0.21
C GLU A 52 12.21 -9.11 -1.00
N ASP A 53 11.30 -10.09 -0.81
CA ASP A 53 10.42 -10.58 -1.87
C ASP A 53 9.47 -9.50 -2.30
N PHE A 54 8.96 -8.70 -1.33
CA PHE A 54 8.07 -7.59 -1.60
C PHE A 54 8.84 -6.58 -2.44
N ARG A 55 10.06 -6.23 -2.02
CA ARG A 55 10.90 -5.31 -2.79
C ARG A 55 11.12 -5.78 -4.24
N ARG A 56 11.59 -7.03 -4.44
CA ARG A 56 11.81 -7.57 -5.79
C ARG A 56 10.55 -7.70 -6.62
N THR A 57 9.40 -8.07 -6.02
CA THR A 57 8.14 -8.15 -6.78
C THR A 57 7.60 -6.73 -7.15
N ARG A 58 7.93 -5.71 -6.33
N ARG A 58 7.93 -5.72 -6.33
CA ARG A 58 7.49 -4.34 -6.62
CA ARG A 58 7.49 -4.34 -6.59
C ARG A 58 8.23 -3.84 -7.86
C ARG A 58 8.24 -3.81 -7.83
N ASN A 59 9.55 -4.11 -7.93
CA ASN A 59 10.38 -3.72 -9.07
C ASN A 59 9.85 -4.36 -10.37
N SER A 60 9.42 -5.66 -10.29
CA SER A 60 8.87 -6.37 -11.43
C SER A 60 7.55 -5.78 -11.86
N ALA A 61 6.64 -5.48 -10.92
CA ALA A 61 5.35 -4.89 -11.26
C ALA A 61 5.54 -3.51 -11.90
N GLU A 62 6.44 -2.67 -11.34
CA GLU A 62 6.73 -1.35 -11.91
C GLU A 62 7.16 -1.40 -13.39
N ALA A 63 8.18 -2.21 -13.74
CA ALA A 63 8.64 -2.39 -15.12
C ALA A 63 7.53 -2.89 -16.04
N ILE A 64 6.76 -3.89 -15.59
CA ILE A 64 5.62 -4.43 -16.35
C ILE A 64 4.60 -3.32 -16.65
N ILE A 65 4.28 -2.45 -15.66
CA ILE A 65 3.36 -1.34 -15.87
C ILE A 65 3.85 -0.36 -16.96
N HIS A 66 5.18 -0.04 -16.96
CA HIS A 66 5.74 0.82 -18.01
C HIS A 66 5.64 0.22 -19.42
N GLY A 67 5.48 -1.09 -19.52
CA GLY A 67 5.33 -1.78 -20.80
C GLY A 67 3.89 -1.86 -21.33
N LEU A 68 2.89 -1.51 -20.48
CA LEU A 68 1.45 -1.55 -20.76
C LEU A 68 0.93 -0.20 -21.20
N SER A 69 -0.08 -0.18 -22.08
CA SER A 69 -0.65 1.10 -22.54
C SER A 69 -2.14 1.28 -22.22
N SER A 70 -2.85 0.17 -22.00
CA SER A 70 -4.28 0.21 -21.67
C SER A 70 -4.50 -0.51 -20.37
N LEU A 71 -5.47 -0.04 -19.57
CA LEU A 71 -5.76 -0.69 -18.30
C LEU A 71 -7.24 -0.61 -17.96
N THR A 72 -7.78 -1.71 -17.45
CA THR A 72 -9.15 -1.77 -17.00
C THR A 72 -9.25 -1.12 -15.63
N ALA A 73 -10.46 -0.73 -15.21
CA ALA A 73 -10.67 -0.13 -13.90
C ALA A 73 -10.22 -1.07 -12.76
N CYS A 74 -10.28 -2.42 -12.98
CA CYS A 74 -9.87 -3.43 -12.01
C CYS A 74 -8.35 -3.49 -11.89
N GLN A 75 -7.64 -3.30 -13.01
CA GLN A 75 -6.17 -3.27 -12.98
C GLN A 75 -5.69 -1.97 -12.30
N LEU A 76 -6.38 -0.89 -12.59
CA LEU A 76 -6.04 0.38 -11.99
C LEU A 76 -6.26 0.31 -10.50
N ARG A 77 -7.36 -0.29 -10.07
CA ARG A 77 -7.63 -0.41 -8.63
C ARG A 77 -6.59 -1.26 -7.95
N THR A 78 -6.16 -2.33 -8.61
CA THR A 78 -5.15 -3.19 -8.06
C THR A 78 -3.86 -2.43 -7.93
N ILE A 79 -3.55 -1.60 -8.92
CA ILE A 79 -2.31 -0.84 -8.88
C ILE A 79 -2.35 0.13 -7.66
N TYR A 80 -3.51 0.74 -7.40
CA TYR A 80 -3.68 1.62 -6.25
C TYR A 80 -3.41 0.89 -4.93
N ILE A 81 -4.02 -0.30 -4.74
CA ILE A 81 -3.83 -1.14 -3.54
C ILE A 81 -2.34 -1.45 -3.36
N CYS A 82 -1.64 -1.83 -4.43
CA CYS A 82 -0.21 -2.13 -4.35
C CYS A 82 0.64 -0.92 -4.07
N GLN A 83 0.22 0.25 -4.53
CA GLN A 83 0.93 1.49 -4.23
C GLN A 83 0.77 1.81 -2.76
N PHE A 84 -0.47 1.59 -2.22
CA PHE A 84 -0.79 1.76 -0.81
C PHE A 84 0.13 0.85 0.04
N LEU A 85 0.36 -0.41 -0.38
CA LEU A 85 1.21 -1.34 0.35
C LEU A 85 2.71 -0.95 0.33
N THR A 86 3.17 -0.39 -0.78
CA THR A 86 4.56 0.04 -0.97
C THR A 86 4.87 1.23 -0.04
N ARG A 87 3.90 2.17 0.07
CA ARG A 87 4.00 3.35 0.92
C ARG A 87 3.89 2.99 2.40
N ILE A 88 3.03 2.04 2.78
CA ILE A 88 2.88 1.57 4.17
C ILE A 88 4.21 0.92 4.62
N ALA A 89 4.85 0.13 3.73
CA ALA A 89 6.15 -0.52 3.93
C ALA A 89 7.29 0.51 4.18
N ALA A 90 7.13 1.72 3.61
CA ALA A 90 8.10 2.81 3.77
C ALA A 90 7.62 3.88 4.78
N GLY A 91 6.62 3.57 5.60
CA GLY A 91 6.08 4.50 6.57
C GLY A 91 7.05 4.95 7.64
N LYS A 92 8.07 4.12 7.94
CA LYS A 92 9.09 4.49 8.93
C LYS A 92 10.32 5.18 8.26
N THR A 93 10.38 5.17 6.91
CA THR A 93 11.40 5.74 6.03
C THR A 93 10.99 7.19 5.68
N LEU A 94 11.14 8.14 6.61
CA LEU A 94 10.75 9.53 6.37
C LEU A 94 11.50 10.20 5.19
N ASP A 95 12.51 9.51 4.63
CA ASP A 95 13.30 9.95 3.47
C ASP A 95 12.67 9.55 2.12
N ALA A 96 11.56 8.81 2.12
CA ALA A 96 10.91 8.40 0.89
C ALA A 96 9.91 9.46 0.42
N GLN A 97 10.00 9.82 -0.86
CA GLN A 97 9.15 10.84 -1.47
C GLN A 97 8.37 10.16 -2.58
N PHE A 98 7.05 10.04 -2.43
CA PHE A 98 6.23 9.35 -3.43
C PHE A 98 5.46 10.28 -4.35
N GLU A 99 5.36 11.58 -4.02
CA GLU A 99 4.62 12.54 -4.81
C GLU A 99 5.47 13.78 -5.18
N ASN A 100 4.95 14.65 -6.07
CA ASN A 100 5.63 15.87 -6.51
C ASN A 100 5.88 16.81 -5.33
N ASP A 101 4.94 16.86 -4.37
CA ASP A 101 5.15 17.66 -3.17
C ASP A 101 6.07 16.82 -2.26
N GLU A 102 7.30 17.32 -2.04
CA GLU A 102 8.33 16.63 -1.25
C GLU A 102 8.03 16.58 0.27
N ARG A 103 7.17 17.47 0.79
CA ARG A 103 6.82 17.52 2.21
C ARG A 103 5.91 16.37 2.65
N ILE A 104 5.15 15.79 1.71
CA ILE A 104 4.23 14.71 2.01
C ILE A 104 4.95 13.43 2.41
N THR A 105 4.86 13.06 3.70
CA THR A 105 5.50 11.87 4.27
C THR A 105 4.88 10.60 3.70
N PRO A 106 5.61 9.47 3.70
CA PRO A 106 5.07 8.23 3.12
C PRO A 106 3.72 7.76 3.69
N LEU A 107 3.47 7.93 4.99
CA LEU A 107 2.18 7.52 5.56
C LEU A 107 1.03 8.41 5.11
N GLU A 108 1.32 9.70 4.81
CA GLU A 108 0.30 10.64 4.29
C GLU A 108 -0.09 10.24 2.86
N SER A 109 0.91 9.79 2.06
CA SER A 109 0.70 9.32 0.70
C SER A 109 -0.14 8.01 0.67
N ALA A 110 0.07 7.11 1.64
CA ALA A 110 -0.72 5.89 1.74
C ALA A 110 -2.17 6.25 2.10
N LEU A 111 -2.36 7.23 3.00
CA LEU A 111 -3.66 7.69 3.45
C LEU A 111 -4.50 8.32 2.34
N MET A 112 -3.88 9.05 1.38
CA MET A 112 -4.63 9.64 0.27
C MET A 112 -5.16 8.54 -0.62
N ILE A 113 -4.36 7.51 -0.91
CA ILE A 113 -4.83 6.40 -1.76
C ILE A 113 -5.98 5.66 -1.07
N TRP A 114 -5.79 5.35 0.21
CA TRP A 114 -6.75 4.65 1.03
C TRP A 114 -8.12 5.31 1.04
N GLY A 115 -8.15 6.63 1.16
CA GLY A 115 -9.40 7.38 1.17
C GLY A 115 -9.95 7.73 -0.19
N SER A 116 -9.31 7.23 -1.26
CA SER A 116 -9.75 7.51 -2.62
C SER A 116 -10.05 6.25 -3.43
N ILE A 117 -9.57 5.06 -2.98
CA ILE A 117 -9.85 3.78 -3.65
C ILE A 117 -11.38 3.56 -3.67
N GLU A 118 -11.91 3.01 -4.77
CA GLU A 118 -13.32 2.67 -4.83
C GLU A 118 -13.47 1.32 -4.08
N LYS A 119 -13.73 1.42 -2.76
CA LYS A 119 -13.92 0.26 -1.89
C LYS A 119 -14.97 0.60 -0.83
N GLU A 120 -15.59 -0.43 -0.20
CA GLU A 120 -16.60 -0.16 0.82
C GLU A 120 -15.96 0.48 2.05
N HIS A 121 -16.62 1.50 2.60
CA HIS A 121 -16.12 2.15 3.80
C HIS A 121 -16.72 1.50 5.03
N ASP A 122 -16.22 0.29 5.33
CA ASP A 122 -16.64 -0.48 6.48
C ASP A 122 -15.83 -0.09 7.73
N LYS A 123 -16.16 -0.66 8.89
CA LYS A 123 -15.47 -0.40 10.15
C LYS A 123 -13.96 -0.72 10.07
N LEU A 124 -13.56 -1.79 9.36
CA LEU A 124 -12.12 -2.10 9.22
C LEU A 124 -11.42 -1.01 8.43
N HIS A 125 -12.11 -0.46 7.38
CA HIS A 125 -11.58 0.65 6.57
C HIS A 125 -11.28 1.86 7.45
N GLU A 126 -12.27 2.24 8.29
CA GLU A 126 -12.14 3.41 9.15
C GLU A 126 -11.02 3.20 10.16
N GLU A 127 -10.94 2.00 10.73
CA GLU A 127 -9.91 1.65 11.70
C GLU A 127 -8.52 1.82 11.15
N ILE A 128 -8.30 1.33 9.91
CA ILE A 128 -7.01 1.43 9.21
C ILE A 128 -6.66 2.89 8.94
N GLN A 129 -7.61 3.67 8.46
CA GLN A 129 -7.45 5.10 8.21
C GLN A 129 -7.01 5.84 9.49
N ASN A 130 -7.72 5.62 10.61
CA ASN A 130 -7.40 6.31 11.85
C ASN A 130 -6.03 5.90 12.39
N LEU A 131 -5.63 4.64 12.18
CA LEU A 131 -4.33 4.11 12.60
C LEU A 131 -3.20 4.69 11.75
N ILE A 132 -3.43 4.90 10.45
CA ILE A 132 -2.40 5.50 9.58
C ILE A 132 -2.19 6.99 10.00
N LYS A 133 -3.28 7.68 10.36
CA LYS A 133 -3.30 9.07 10.82
C LYS A 133 -2.45 9.29 12.09
N ILE A 134 -2.67 8.48 13.13
CA ILE A 134 -1.91 8.55 14.37
C ILE A 134 -0.42 8.26 14.08
N GLN A 135 -0.15 7.22 13.28
CA GLN A 135 1.21 6.84 12.97
C GLN A 135 1.95 7.82 12.07
N ALA A 136 1.24 8.63 11.27
CA ALA A 136 1.89 9.63 10.43
C ALA A 136 2.57 10.68 11.33
N ILE A 137 1.90 11.04 12.44
CA ILE A 137 2.41 11.97 13.44
C ILE A 137 3.47 11.27 14.32
N ALA A 138 3.18 10.05 14.82
CA ALA A 138 4.06 9.27 15.69
C ALA A 138 5.48 9.03 15.16
N VAL A 139 5.66 8.70 13.85
CA VAL A 139 7.02 8.47 13.34
C VAL A 139 7.83 9.77 13.27
N CYS A 140 7.17 10.94 13.25
CA CYS A 140 7.87 12.22 13.24
C CYS A 140 8.39 12.54 14.63
N MET A 141 7.59 12.26 15.67
CA MET A 141 7.99 12.46 17.06
C MET A 141 9.09 11.45 17.44
N GLU A 142 9.02 10.22 16.90
CA GLU A 142 9.99 9.14 17.12
C GLU A 142 11.42 9.52 16.63
N ASN A 143 11.52 10.41 15.63
CA ASN A 143 12.81 10.85 15.14
C ASN A 143 13.19 12.29 15.52
N GLY A 144 12.53 12.83 16.54
CA GLY A 144 12.83 14.18 17.03
C GLY A 144 12.38 15.31 16.12
N ASN A 145 11.60 15.01 15.07
CA ASN A 145 11.11 16.04 14.14
C ASN A 145 9.76 16.54 14.67
N PHE A 146 9.80 17.29 15.76
CA PHE A 146 8.57 17.79 16.39
C PHE A 146 7.82 18.80 15.54
N LYS A 147 8.55 19.66 14.80
CA LYS A 147 7.90 20.66 13.96
C LYS A 147 7.22 20.00 12.74
N GLU A 148 7.84 18.92 12.20
CA GLU A 148 7.28 18.17 11.09
C GLU A 148 6.00 17.47 11.51
N ALA A 149 5.93 16.94 12.75
CA ALA A 149 4.71 16.32 13.28
C ALA A 149 3.57 17.33 13.30
N GLU A 150 3.87 18.58 13.70
CA GLU A 150 2.89 19.66 13.73
C GLU A 150 2.42 19.97 12.30
N GLU A 151 3.35 20.08 11.34
CA GLU A 151 3.01 20.34 9.95
C GLU A 151 2.12 19.24 9.37
N VAL A 152 2.46 17.96 9.61
CA VAL A 152 1.72 16.77 9.18
C VAL A 152 0.30 16.79 9.76
N PHE A 153 0.19 17.14 11.06
CA PHE A 153 -1.05 17.25 11.80
C PHE A 153 -1.98 18.31 11.20
N GLU A 154 -1.41 19.38 10.66
CA GLU A 154 -2.19 20.46 10.05
C GLU A 154 -2.83 19.98 8.75
N ARG A 155 -2.12 19.13 7.96
CA ARG A 155 -2.62 18.56 6.71
C ARG A 155 -3.59 17.38 6.89
N ILE A 156 -3.67 16.82 8.10
CA ILE A 156 -4.55 15.70 8.40
C ILE A 156 -5.76 16.13 9.26
N PHE A 157 -5.65 17.23 10.01
CA PHE A 157 -6.75 17.70 10.85
C PHE A 157 -7.11 19.18 10.63
N GLY A 158 -8.09 19.44 9.76
CA GLY A 158 -8.54 20.79 9.48
CA MET A 164 -11.22 12.63 13.57
C MET A 164 -11.28 13.58 14.75
N PRO A 165 -11.97 13.20 15.84
CA PRO A 165 -12.08 14.11 17.00
C PRO A 165 -10.93 14.02 18.02
N PHE A 166 -10.12 12.95 17.97
CA PHE A 166 -8.98 12.72 18.89
C PHE A 166 -7.77 13.63 18.60
N LYS A 167 -7.97 14.71 17.81
CA LYS A 167 -6.92 15.66 17.46
C LYS A 167 -6.42 16.45 18.68
N SER A 168 -7.28 16.64 19.71
CA SER A 168 -6.91 17.33 20.93
C SER A 168 -5.78 16.56 21.66
N LYS A 169 -5.86 15.22 21.67
CA LYS A 169 -4.86 14.37 22.30
C LYS A 169 -3.55 14.42 21.53
N LEU A 170 -3.63 14.30 20.19
CA LEU A 170 -2.47 14.35 19.30
C LEU A 170 -1.73 15.69 19.42
N LEU A 171 -2.45 16.82 19.29
CA LEU A 171 -1.89 18.16 19.41
C LEU A 171 -1.23 18.38 20.78
N MET A 172 -1.83 17.86 21.85
CA MET A 172 -1.27 17.96 23.20
C MET A 172 0.03 17.17 23.35
N ILE A 173 0.17 16.06 22.61
CA ILE A 173 1.38 15.22 22.63
C ILE A 173 2.50 15.86 21.79
N ILE A 174 2.14 16.52 20.68
CA ILE A 174 3.13 17.18 19.82
C ILE A 174 3.79 18.35 20.56
N SER A 175 2.97 19.14 21.28
CA SER A 175 3.46 20.28 22.05
C SER A 175 4.33 19.83 23.23
N GLN A 176 3.92 18.77 23.94
CA GLN A 176 4.67 18.25 25.08
C GLN A 176 6.00 17.60 24.68
N LYS A 177 6.11 17.12 23.42
CA LYS A 177 7.29 16.46 22.84
C LYS A 177 7.59 15.09 23.47
N ASP A 178 6.59 14.45 24.11
CA ASP A 178 6.75 13.14 24.73
C ASP A 178 6.83 12.04 23.66
N THR A 179 8.07 11.57 23.34
CA THR A 179 8.32 10.57 22.28
C THR A 179 7.73 9.18 22.62
N PHE A 180 8.17 8.53 23.71
CA PHE A 180 7.62 7.23 24.09
C PHE A 180 6.33 7.43 24.90
N HIS A 181 5.29 7.96 24.24
CA HIS A 181 4.00 8.25 24.85
C HIS A 181 3.04 7.06 24.87
N SER A 182 2.20 6.98 25.92
CA SER A 182 1.22 5.92 26.13
C SER A 182 0.17 5.77 25.02
N PHE A 183 -0.25 6.88 24.40
CA PHE A 183 -1.25 6.87 23.34
C PHE A 183 -0.75 6.08 22.15
N PHE A 184 0.50 6.29 21.76
CA PHE A 184 1.09 5.58 20.63
C PHE A 184 1.27 4.08 20.86
N GLN A 185 1.15 3.61 22.11
CA GLN A 185 1.28 2.20 22.42
C GLN A 185 0.00 1.47 22.04
N HIS A 186 -1.16 2.00 22.44
CA HIS A 186 -2.42 1.35 22.12
C HIS A 186 -2.64 1.33 20.61
N PHE A 187 -2.40 2.46 19.98
CA PHE A 187 -2.52 2.57 18.53
C PHE A 187 -1.12 2.45 17.93
N SER A 188 -0.52 1.28 18.09
CA SER A 188 0.84 1.00 17.62
C SER A 188 1.02 0.72 16.13
N TYR A 189 2.26 0.81 15.68
CA TYR A 189 2.62 0.55 14.29
C TYR A 189 2.29 -0.89 13.92
N ASN A 190 2.59 -1.78 14.85
CA ASN A 190 2.29 -3.21 14.72
C ASN A 190 0.79 -3.42 14.54
N HIS A 191 -0.03 -2.63 15.26
CA HIS A 191 -1.48 -2.72 15.20
CA HIS A 191 -1.48 -2.72 15.20
C HIS A 191 -1.99 -2.26 13.85
N MET A 192 -1.41 -1.18 13.30
CA MET A 192 -1.75 -0.64 11.98
C MET A 192 -1.37 -1.73 10.95
N MET A 193 -0.14 -2.26 11.04
CA MET A 193 0.37 -3.33 10.17
C MET A 193 -0.53 -4.57 10.17
N GLU A 194 -0.95 -5.02 11.37
CA GLU A 194 -1.80 -6.20 11.57
C GLU A 194 -3.20 -5.99 11.03
N LYS A 195 -3.77 -4.78 11.21
CA LYS A 195 -5.10 -4.48 10.67
C LYS A 195 -5.05 -4.44 9.15
N ILE A 196 -3.95 -3.92 8.57
CA ILE A 196 -3.76 -3.90 7.13
C ILE A 196 -3.53 -5.32 6.58
N LYS A 197 -2.80 -6.17 7.30
CA LYS A 197 -2.58 -7.56 6.89
C LYS A 197 -3.89 -8.34 6.80
N SER A 198 -4.83 -8.08 7.72
CA SER A 198 -6.17 -8.67 7.74
C SER A 198 -6.92 -8.32 6.45
N TYR A 199 -6.79 -7.06 6.00
CA TYR A 199 -7.42 -6.58 4.79
C TYR A 199 -6.83 -7.30 3.57
N VAL A 200 -5.49 -7.33 3.46
CA VAL A 200 -4.79 -8.02 2.38
C VAL A 200 -5.21 -9.51 2.32
N ASN A 201 -5.32 -10.16 3.50
CA ASN A 201 -5.79 -11.54 3.64
C ASN A 201 -7.18 -11.69 2.99
N TYR A 202 -8.08 -10.75 3.30
CA TYR A 202 -9.46 -10.73 2.84
C TYR A 202 -9.56 -10.58 1.34
N VAL A 203 -8.83 -9.61 0.74
CA VAL A 203 -8.90 -9.42 -0.71
C VAL A 203 -8.38 -10.66 -1.44
N LEU A 204 -7.27 -11.27 -0.99
CA LEU A 204 -6.74 -12.49 -1.61
C LEU A 204 -7.75 -13.62 -1.66
N SER A 205 -8.59 -13.72 -0.62
CA SER A 205 -9.59 -14.75 -0.61
C SER A 205 -10.45 -14.49 -1.81
N GLU A 206 -10.77 -13.23 -2.05
CA GLU A 206 -11.53 -12.84 -3.23
C GLU A 206 -10.67 -13.10 -4.48
N LYS A 207 -9.39 -12.78 -4.37
CA LYS A 207 -8.46 -12.98 -5.47
N SER A 209 -6.56 -16.95 -7.83
CA SER A 209 -7.53 -17.20 -8.90
C SER A 209 -7.21 -16.57 -10.25
N THR A 210 -6.02 -15.98 -10.39
CA THR A 210 -5.62 -15.38 -11.67
C THR A 210 -5.24 -16.44 -12.70
N PHE A 211 -5.27 -16.07 -13.95
CA PHE A 211 -5.00 -17.07 -14.95
C PHE A 211 -3.63 -17.66 -14.75
N LEU A 212 -2.66 -16.82 -14.48
CA LEU A 212 -1.30 -17.29 -14.28
C LEU A 212 -1.05 -18.13 -13.02
N MET A 213 -1.59 -17.70 -11.89
CA MET A 213 -1.37 -18.45 -10.66
C MET A 213 -2.00 -19.83 -10.69
N LYS A 214 -3.21 -19.89 -11.21
CA LYS A 214 -3.96 -21.16 -11.30
C LYS A 214 -3.36 -22.16 -12.28
N ALA A 215 -2.76 -21.69 -13.39
CA ALA A 215 -2.15 -22.58 -14.37
C ALA A 215 -0.85 -23.14 -13.84
N ALA A 216 -0.04 -22.31 -13.16
CA ALA A 216 1.20 -22.76 -12.56
C ALA A 216 0.93 -23.71 -11.39
N ALA A 217 -0.15 -23.49 -10.63
CA ALA A 217 -0.56 -24.37 -9.53
C ALA A 217 -1.03 -25.75 -10.02
N LYS A 218 -1.52 -25.83 -11.28
CA LYS A 218 -1.90 -27.11 -11.89
C LYS A 218 -0.63 -27.89 -12.25
N VAL A 219 0.43 -27.20 -12.71
CA VAL A 219 1.71 -27.82 -13.03
C VAL A 219 2.34 -28.37 -11.74
N VAL A 220 2.21 -27.64 -10.61
CA VAL A 220 2.76 -28.11 -9.34
C VAL A 220 2.04 -29.37 -8.88
N GLU A 221 0.69 -29.35 -8.86
CA GLU A 221 -0.09 -30.54 -8.46
C GLU A 221 0.18 -31.72 -9.41
N SER A 222 0.44 -31.44 -10.70
CA SER A 222 0.77 -32.43 -11.72
C SER A 222 2.09 -33.16 -11.37
N LYS A 223 3.05 -32.46 -10.74
CA LYS A 223 4.32 -33.06 -10.35
C LYS A 223 4.30 -33.73 -8.95
N ARG A 224 3.12 -33.84 -8.33
CA ARG A 224 2.98 -34.47 -7.01
C ARG A 224 2.51 -35.92 -7.16
C4 HHQ B . 3.30 -1.11 -7.00
C5 HHQ B . 4.01 0.00 -6.72
N1 HHQ B . 4.11 0.99 -7.64
C3 HHQ B . 2.69 -1.24 -8.23
O1 HHQ B . 3.69 1.90 -9.66
C1 HHQ B . 3.53 0.93 -8.88
C2 HHQ B . 2.81 -0.24 -9.18
I1 HHQ B . 1.61 -2.98 -8.67
C1 EDO C . 5.86 -6.17 5.48
O1 EDO C . 4.86 -7.08 5.91
C2 EDO C . 6.31 -6.53 4.08
O2 EDO C . 7.21 -5.54 3.64
#